data_5B6I
#
_entry.id   5B6I
#
_cell.length_a   125.635
_cell.length_b   125.635
_cell.length_c   125.635
_cell.angle_alpha   90.00
_cell.angle_beta   90.00
_cell.angle_gamma   90.00
#
_symmetry.space_group_name_H-M   'P 21 3'
#
loop_
_entity.id
_entity.type
_entity.pdbx_description
1 polymer Fluorinase
2 non-polymer METHIONINE
3 non-polymer ADENOSINE
4 water water
#
_entity_poly.entity_id   1
_entity_poly.type   'polypeptide(L)'
_entity_poly.pdbx_seq_one_letter_code
;MGSSHHHHHHSSGLVPRGSHMAANGSQRPIIAFMSDLGTTDDSVAQCKGLMHSICPGVTVVDVCHSMTPWDVEEGARYIV
DLPRFFPEGTVFATTTYPATGTTTRSVAVRIRQAAKGGARGQWAGSGDGFERADGSYIYIAPNNGLLTTVLEEHGYIEAY
EVTSTKVIPANPEPTFYSREMVAIPSAHLAAGFPLAEVGRRLDDSEIVRFHRPAVEISGEALSGVVTAIDHPFGNIWTNI
HRTDLEKAGIGQGKHLKIILDDVLPFEAPLTPTFADAGAIGNIAFYLNSRGYLSLARNAASLAYPYNLKAGLKVRVEAR
;
_entity_poly.pdbx_strand_id   A,B
#
loop_
_chem_comp.id
_chem_comp.type
_chem_comp.name
_chem_comp.formula
ADN non-polymer ADENOSINE 'C10 H13 N5 O4'
#
# COMPACT_ATOMS: atom_id res chain seq x y z
N ARG A 28 -10.12 44.42 -15.19
CA ARG A 28 -9.47 43.82 -14.04
C ARG A 28 -9.43 42.29 -14.15
N PRO A 29 -8.70 41.77 -15.14
CA PRO A 29 -8.81 40.32 -15.41
C PRO A 29 -8.20 39.48 -14.30
N ILE A 30 -8.72 38.27 -14.13
CA ILE A 30 -8.27 37.34 -13.11
C ILE A 30 -7.87 36.00 -13.73
N ILE A 31 -6.75 35.46 -13.30
CA ILE A 31 -6.38 34.09 -13.60
C ILE A 31 -6.37 33.34 -12.29
N ALA A 32 -7.17 32.27 -12.20
CA ALA A 32 -7.14 31.43 -11.01
C ALA A 32 -6.24 30.26 -11.34
N PHE A 33 -5.22 30.06 -10.48
CA PHE A 33 -4.08 29.19 -10.81
C PHE A 33 -4.04 27.99 -9.85
N MET A 34 -4.22 26.79 -10.41
CA MET A 34 -4.12 25.54 -9.64
C MET A 34 -3.05 24.68 -10.28
N SER A 35 -2.03 24.30 -9.51
CA SER A 35 -0.98 23.48 -10.05
C SER A 35 -0.46 22.44 -9.06
N ASP A 36 0.47 21.62 -9.54
CA ASP A 36 1.20 20.69 -8.68
C ASP A 36 2.64 21.14 -8.47
N LEU A 37 2.91 22.42 -8.71
CA LEU A 37 4.28 22.94 -8.67
C LEU A 37 4.85 23.13 -7.26
N GLY A 38 3.98 23.03 -6.25
CA GLY A 38 4.42 23.11 -4.88
C GLY A 38 4.64 24.53 -4.42
N THR A 39 4.97 24.69 -3.14
CA THR A 39 5.14 26.03 -2.54
C THR A 39 6.53 26.26 -1.98
N THR A 40 7.53 25.53 -2.48
CA THR A 40 8.83 25.57 -1.84
C THR A 40 9.93 26.17 -2.71
N ASP A 41 9.65 26.42 -4.00
CA ASP A 41 10.65 27.08 -4.83
C ASP A 41 10.03 28.17 -5.71
N ASP A 42 10.75 28.64 -6.72
CA ASP A 42 10.31 29.79 -7.50
C ASP A 42 9.44 29.42 -8.73
N SER A 43 9.05 28.16 -8.86
CA SER A 43 8.25 27.73 -10.02
C SER A 43 6.96 28.52 -10.25
N VAL A 44 6.13 28.65 -9.23
CA VAL A 44 4.91 29.42 -9.33
C VAL A 44 5.20 30.90 -9.64
N ALA A 45 6.20 31.48 -8.98
CA ALA A 45 6.57 32.87 -9.27
C ALA A 45 7.03 33.11 -10.71
N GLN A 46 7.71 32.13 -11.32
CA GLN A 46 8.11 32.28 -12.72
C GLN A 46 6.86 32.42 -13.58
N CYS A 47 5.86 31.58 -13.30
CA CYS A 47 4.59 31.61 -13.98
C CYS A 47 3.89 32.96 -13.79
N LYS A 48 3.86 33.45 -12.55
CA LYS A 48 3.18 34.72 -12.27
C LYS A 48 3.87 35.91 -12.91
N GLY A 49 5.21 35.90 -12.93
CA GLY A 49 5.95 36.97 -13.56
C GLY A 49 5.55 37.09 -15.03
N LEU A 50 5.44 35.93 -15.69
CA LEU A 50 5.05 35.88 -17.10
C LEU A 50 3.60 36.27 -17.29
N MET A 51 2.73 35.85 -16.38
CA MET A 51 1.32 36.26 -16.47
C MET A 51 1.19 37.79 -16.41
N HIS A 52 1.92 38.42 -15.49
CA HIS A 52 1.92 39.89 -15.43
C HIS A 52 2.57 40.54 -16.64
N SER A 53 3.60 39.89 -17.19
CA SER A 53 4.27 40.43 -18.37
C SER A 53 3.31 40.50 -19.54
N ILE A 54 2.48 39.48 -19.65
CA ILE A 54 1.60 39.35 -20.81
C ILE A 54 0.31 40.11 -20.62
N CYS A 55 -0.22 40.04 -19.40
CA CYS A 55 -1.46 40.71 -19.08
C CYS A 55 -1.26 41.72 -17.95
N PRO A 56 -0.69 42.90 -18.28
CA PRO A 56 -0.45 43.88 -17.22
C PRO A 56 -1.73 44.23 -16.49
N GLY A 57 -1.69 44.26 -15.18
CA GLY A 57 -2.92 44.49 -14.43
C GLY A 57 -3.69 43.25 -14.03
N VAL A 58 -3.24 42.09 -14.46
CA VAL A 58 -3.91 40.83 -14.11
C VAL A 58 -3.81 40.58 -12.60
N THR A 59 -4.81 39.90 -12.03
CA THR A 59 -4.70 39.39 -10.68
C THR A 59 -4.64 37.87 -10.76
N VAL A 60 -3.59 37.29 -10.19
CA VAL A 60 -3.47 35.85 -10.16
C VAL A 60 -3.95 35.37 -8.80
N VAL A 61 -5.06 34.63 -8.79
CA VAL A 61 -5.62 34.07 -7.56
C VAL A 61 -5.19 32.63 -7.43
N ASP A 62 -4.33 32.34 -6.45
CA ASP A 62 -3.90 30.98 -6.22
C ASP A 62 -5.06 30.14 -5.73
N VAL A 63 -5.23 28.97 -6.33
CA VAL A 63 -6.18 28.00 -5.84
C VAL A 63 -5.44 27.17 -4.80
N CYS A 64 -4.58 26.27 -5.26
CA CYS A 64 -3.62 25.59 -4.38
C CYS A 64 -2.53 25.03 -5.28
N HIS A 65 -1.37 24.73 -4.70
CA HIS A 65 -0.26 24.23 -5.50
C HIS A 65 0.33 22.97 -4.88
N SER A 66 -0.41 22.39 -3.95
CA SER A 66 0.10 21.27 -3.17
C SER A 66 -0.52 19.92 -3.53
N MET A 67 -1.29 19.85 -4.62
CA MET A 67 -1.92 18.57 -5.00
C MET A 67 -0.86 17.49 -5.19
N THR A 68 -1.23 16.24 -4.90
CA THR A 68 -0.37 15.10 -5.18
C THR A 68 0.00 15.14 -6.66
N PRO A 69 1.31 15.19 -6.96
CA PRO A 69 1.72 15.26 -8.37
C PRO A 69 1.12 14.15 -9.22
N TRP A 70 0.59 14.53 -10.37
CA TRP A 70 0.14 13.61 -11.43
C TRP A 70 -1.17 12.92 -11.07
N ASP A 71 -1.79 13.29 -9.96
CA ASP A 71 -3.10 12.74 -9.59
C ASP A 71 -4.19 13.61 -10.22
N VAL A 72 -4.63 13.28 -11.43
CA VAL A 72 -5.55 14.18 -12.14
C VAL A 72 -6.93 14.21 -11.49
N GLU A 73 -7.31 13.11 -10.83
CA GLU A 73 -8.61 13.08 -10.18
C GLU A 73 -8.64 13.98 -8.95
N GLU A 74 -7.53 14.03 -8.20
CA GLU A 74 -7.45 15.00 -7.10
C GLU A 74 -7.46 16.43 -7.62
N GLY A 75 -6.68 16.70 -8.66
CA GLY A 75 -6.60 18.05 -9.21
C GLY A 75 -7.98 18.50 -9.69
N ALA A 76 -8.73 17.56 -10.26
CA ALA A 76 -10.06 17.85 -10.79
C ALA A 76 -10.98 18.37 -9.68
N ARG A 77 -10.87 17.79 -8.49
CA ARG A 77 -11.76 18.21 -7.40
C ARG A 77 -11.50 19.66 -6.97
N TYR A 78 -10.27 20.13 -7.12
CA TYR A 78 -9.92 21.51 -6.74
C TYR A 78 -10.36 22.58 -7.72
N ILE A 79 -10.87 22.18 -8.88
CA ILE A 79 -11.15 23.16 -9.92
C ILE A 79 -12.59 23.11 -10.42
N VAL A 80 -13.29 22.00 -10.19
CA VAL A 80 -14.63 21.83 -10.78
C VAL A 80 -15.67 22.78 -10.20
N ASP A 81 -15.55 23.13 -8.92
CA ASP A 81 -16.54 24.03 -8.29
C ASP A 81 -16.24 25.54 -8.39
N LEU A 82 -15.13 25.92 -9.02
CA LEU A 82 -14.69 27.33 -8.99
C LEU A 82 -15.55 28.38 -9.72
N PRO A 83 -16.08 28.08 -10.93
CA PRO A 83 -16.62 29.18 -11.74
C PRO A 83 -17.62 30.12 -11.06
N ARG A 84 -18.59 29.59 -10.30
CA ARG A 84 -19.64 30.47 -9.78
C ARG A 84 -19.08 31.45 -8.77
N PHE A 85 -17.88 31.19 -8.25
CA PHE A 85 -17.30 32.09 -7.24
C PHE A 85 -16.58 33.28 -7.85
N PHE A 86 -16.31 33.21 -9.14
CA PHE A 86 -15.46 34.22 -9.77
C PHE A 86 -16.20 35.14 -10.73
N PRO A 87 -15.67 36.36 -10.93
CA PRO A 87 -16.28 37.26 -11.91
C PRO A 87 -16.22 36.65 -13.30
N GLU A 88 -17.26 36.86 -14.11
CA GLU A 88 -17.24 36.45 -15.51
C GLU A 88 -15.97 36.95 -16.20
N GLY A 89 -15.41 36.11 -17.07
CA GLY A 89 -14.20 36.46 -17.79
C GLY A 89 -12.96 35.83 -17.15
N THR A 90 -13.11 35.30 -15.94
CA THR A 90 -11.99 34.70 -15.22
C THR A 90 -11.45 33.50 -15.99
N VAL A 91 -10.13 33.39 -16.06
CA VAL A 91 -9.48 32.27 -16.73
C VAL A 91 -8.91 31.29 -15.70
N PHE A 92 -9.19 29.99 -15.87
CA PHE A 92 -8.69 28.98 -14.95
C PHE A 92 -7.52 28.23 -15.59
N ALA A 93 -6.34 28.50 -15.04
CA ALA A 93 -5.10 27.85 -15.44
C ALA A 93 -4.81 26.71 -14.47
N THR A 94 -5.03 25.48 -14.94
CA THR A 94 -5.09 24.32 -14.06
C THR A 94 -4.16 23.24 -14.60
N THR A 95 -3.18 22.81 -13.83
CA THR A 95 -2.18 21.92 -14.46
C THR A 95 -1.39 21.01 -13.52
N THR A 96 -1.46 19.72 -13.82
CA THR A 96 -0.43 18.76 -13.46
C THR A 96 -0.02 18.15 -14.80
N TYR A 97 1.27 18.14 -15.13
CA TYR A 97 1.66 17.91 -16.52
C TYR A 97 2.73 16.82 -16.68
N PRO A 98 2.44 15.58 -16.23
CA PRO A 98 3.48 14.53 -16.38
C PRO A 98 3.94 14.26 -17.83
N ALA A 99 3.15 14.65 -18.82
CA ALA A 99 3.53 14.47 -20.23
C ALA A 99 4.23 15.71 -20.80
N THR A 100 4.73 16.56 -19.90
CA THR A 100 5.45 17.74 -20.33
C THR A 100 6.61 17.36 -21.28
N GLY A 101 6.77 18.16 -22.35
CA GLY A 101 7.88 17.95 -23.27
C GLY A 101 7.62 16.96 -24.38
N THR A 102 6.42 16.37 -24.40
CA THR A 102 6.07 15.46 -25.48
C THR A 102 5.31 16.22 -26.55
N THR A 103 4.81 15.52 -27.57
CA THR A 103 4.06 16.18 -28.63
C THR A 103 2.66 16.59 -28.19
N THR A 104 2.30 16.26 -26.95
CA THR A 104 0.98 16.62 -26.47
C THR A 104 0.84 18.14 -26.44
N ARG A 105 -0.38 18.62 -26.61
CA ARG A 105 -0.66 20.05 -26.53
C ARG A 105 -1.82 20.27 -25.57
N SER A 106 -1.81 21.41 -24.88
CA SER A 106 -2.86 21.72 -23.92
C SER A 106 -4.19 21.91 -24.62
N VAL A 107 -5.29 21.74 -23.87
CA VAL A 107 -6.62 22.04 -24.39
C VAL A 107 -7.12 23.30 -23.70
N ALA A 108 -7.73 24.19 -24.47
CA ALA A 108 -8.35 25.37 -23.89
C ALA A 108 -9.82 25.38 -24.27
N VAL A 109 -10.68 25.67 -23.31
CA VAL A 109 -12.09 25.45 -23.53
C VAL A 109 -12.94 26.51 -22.87
N ARG A 110 -13.94 27.00 -23.60
CA ARG A 110 -14.95 27.89 -23.03
C ARG A 110 -16.10 27.03 -22.49
N ILE A 111 -16.32 27.03 -21.19
CA ILE A 111 -17.40 26.23 -20.61
C ILE A 111 -18.77 26.87 -20.87
N ARG A 112 -19.83 26.08 -20.74
CA ARG A 112 -21.18 26.60 -20.92
C ARG A 112 -21.73 27.17 -19.61
N GLN A 113 -22.18 26.30 -18.73
CA GLN A 113 -22.78 26.72 -17.48
C GLN A 113 -21.82 26.90 -16.32
N ALA A 114 -21.87 28.07 -15.69
CA ALA A 114 -21.05 28.37 -14.54
C ALA A 114 -21.46 27.36 -13.47
N ALA A 115 -22.76 27.13 -13.37
CA ALA A 115 -23.37 26.12 -12.52
C ALA A 115 -23.50 26.48 -11.06
N LYS A 116 -24.64 26.14 -10.48
CA LYS A 116 -24.90 26.35 -9.08
C LYS A 116 -24.20 25.22 -8.33
N GLY A 117 -24.02 25.37 -7.03
CA GLY A 117 -23.38 24.33 -6.24
C GLY A 117 -23.79 24.31 -4.79
N GLY A 118 -23.05 23.55 -3.98
CA GLY A 118 -23.23 23.56 -2.54
C GLY A 118 -24.14 22.46 -2.05
N ALA A 119 -24.36 22.42 -0.75
CA ALA A 119 -25.24 21.42 -0.15
C ALA A 119 -26.65 21.48 -0.75
N ARG A 120 -27.08 22.67 -1.17
CA ARG A 120 -28.44 22.86 -1.67
C ARG A 120 -28.51 23.00 -3.20
N GLY A 121 -27.46 23.55 -3.80
CA GLY A 121 -27.48 23.88 -5.22
C GLY A 121 -27.97 25.30 -5.44
N GLN A 122 -27.05 26.27 -5.34
CA GLN A 122 -27.43 27.68 -5.44
C GLN A 122 -26.29 28.52 -5.99
N TRP A 123 -26.59 29.74 -6.42
CA TRP A 123 -25.55 30.72 -6.75
C TRP A 123 -24.84 31.18 -5.48
N ALA A 124 -23.55 31.49 -5.62
CA ALA A 124 -22.72 31.97 -4.52
C ALA A 124 -22.87 33.48 -4.31
N GLY A 125 -22.66 33.95 -3.08
CA GLY A 125 -22.74 35.37 -2.81
C GLY A 125 -23.81 35.78 -1.82
N SER A 126 -23.79 37.06 -1.47
CA SER A 126 -24.79 37.65 -0.59
C SER A 126 -26.15 37.69 -1.27
N GLY A 127 -27.18 37.99 -0.49
CA GLY A 127 -28.53 38.01 -1.01
C GLY A 127 -28.89 36.65 -1.59
N ASP A 128 -29.38 36.64 -2.82
CA ASP A 128 -29.78 35.39 -3.46
C ASP A 128 -28.64 34.85 -4.30
N GLY A 129 -27.47 35.43 -4.15
CA GLY A 129 -26.30 34.98 -4.89
C GLY A 129 -26.11 35.67 -6.23
N PHE A 130 -24.97 35.41 -6.86
CA PHE A 130 -24.64 36.08 -8.10
C PHE A 130 -24.80 35.15 -9.29
N GLU A 131 -25.85 35.34 -10.07
CA GLU A 131 -26.03 34.49 -11.26
C GLU A 131 -24.90 34.76 -12.23
N ARG A 132 -24.32 33.70 -12.80
CA ARG A 132 -23.22 33.89 -13.76
C ARG A 132 -23.71 33.58 -15.17
N ALA A 133 -23.32 34.41 -16.13
CA ALA A 133 -23.70 34.17 -17.51
C ALA A 133 -23.01 32.90 -18.05
N ASP A 134 -23.64 32.29 -19.04
CA ASP A 134 -23.04 31.15 -19.75
C ASP A 134 -21.83 31.59 -20.54
N GLY A 135 -20.99 30.62 -20.92
CA GLY A 135 -19.88 30.88 -21.82
C GLY A 135 -18.88 31.91 -21.32
N SER A 136 -18.77 32.07 -20.00
CA SER A 136 -18.07 33.21 -19.45
C SER A 136 -16.80 32.85 -18.69
N TYR A 137 -16.36 31.60 -18.80
CA TYR A 137 -15.12 31.18 -18.17
C TYR A 137 -14.36 30.31 -19.15
N ILE A 138 -13.04 30.41 -19.11
CA ILE A 138 -12.19 29.56 -19.94
C ILE A 138 -11.31 28.71 -19.03
N TYR A 139 -11.21 27.43 -19.32
CA TYR A 139 -10.21 26.60 -18.66
C TYR A 139 -9.12 26.25 -19.65
N ILE A 140 -7.88 26.27 -19.18
CA ILE A 140 -6.78 25.78 -20.00
C ILE A 140 -5.93 24.83 -19.18
N ALA A 141 -5.63 23.67 -19.76
CA ALA A 141 -5.06 22.56 -19.00
C ALA A 141 -4.33 21.59 -19.93
N PRO A 142 -3.43 20.77 -19.38
CA PRO A 142 -2.99 19.59 -20.13
C PRO A 142 -4.19 18.77 -20.57
N ASN A 143 -4.11 18.18 -21.74
CA ASN A 143 -5.18 17.34 -22.22
C ASN A 143 -4.94 15.92 -21.71
N ASN A 144 -5.10 15.74 -20.40
CA ASN A 144 -4.80 14.48 -19.76
C ASN A 144 -5.91 14.01 -18.80
N GLY A 145 -7.10 14.59 -18.93
CA GLY A 145 -8.23 14.16 -18.09
C GLY A 145 -8.49 15.08 -16.91
N LEU A 146 -7.59 16.02 -16.67
CA LEU A 146 -7.72 16.95 -15.55
C LEU A 146 -9.08 17.68 -15.56
N LEU A 147 -9.56 17.98 -16.76
CA LEU A 147 -10.82 18.71 -16.92
C LEU A 147 -12.05 17.81 -17.02
N THR A 148 -11.92 16.50 -16.73
CA THR A 148 -13.04 15.57 -16.91
C THR A 148 -14.33 16.06 -16.24
N THR A 149 -14.24 16.43 -14.97
CA THR A 149 -15.47 16.76 -14.24
C THR A 149 -15.88 18.20 -14.50
N VAL A 150 -14.91 19.05 -14.84
CA VAL A 150 -15.25 20.39 -15.29
C VAL A 150 -16.17 20.31 -16.50
N LEU A 151 -15.78 19.52 -17.49
CA LEU A 151 -16.57 19.43 -18.72
C LEU A 151 -17.90 18.74 -18.44
N GLU A 152 -17.85 17.71 -17.61
CA GLU A 152 -19.06 16.96 -17.28
C GLU A 152 -20.10 17.83 -16.59
N GLU A 153 -19.66 18.64 -15.64
CA GLU A 153 -20.60 19.41 -14.82
C GLU A 153 -20.99 20.75 -15.44
N HIS A 154 -20.12 21.31 -16.27
CA HIS A 154 -20.38 22.64 -16.81
C HIS A 154 -20.73 22.61 -18.29
N GLY A 155 -20.36 21.52 -18.97
CA GLY A 155 -20.49 21.51 -20.41
C GLY A 155 -19.52 22.51 -21.03
N TYR A 156 -19.45 22.53 -22.35
CA TYR A 156 -18.54 23.46 -23.01
C TYR A 156 -19.03 23.79 -24.41
N ILE A 157 -18.52 24.89 -24.94
CA ILE A 157 -18.93 25.36 -26.26
C ILE A 157 -18.01 24.75 -27.30
N GLU A 158 -16.75 25.20 -27.34
CA GLU A 158 -15.77 24.53 -28.20
C GLU A 158 -14.46 24.35 -27.43
N ALA A 159 -13.70 23.33 -27.81
CA ALA A 159 -12.40 23.08 -27.22
C ALA A 159 -11.35 23.17 -28.32
N TYR A 160 -10.19 23.69 -27.97
CA TYR A 160 -9.11 23.91 -28.95
C TYR A 160 -7.80 23.38 -28.42
N GLU A 161 -6.97 22.81 -29.29
CA GLU A 161 -5.62 22.49 -28.84
C GLU A 161 -4.79 23.79 -28.92
N VAL A 162 -3.80 23.91 -28.04
CA VAL A 162 -3.09 25.18 -27.91
C VAL A 162 -1.74 25.06 -28.60
N THR A 163 -1.62 25.65 -29.79
CA THR A 163 -0.43 25.45 -30.62
C THR A 163 0.17 26.74 -31.17
N SER A 164 -0.62 27.80 -31.23
CA SER A 164 -0.16 29.06 -31.82
C SER A 164 1.00 29.68 -31.04
N THR A 165 2.07 30.06 -31.75
CA THR A 165 3.21 30.68 -31.06
C THR A 165 2.93 32.15 -30.72
N LYS A 166 1.72 32.63 -31.05
CA LYS A 166 1.23 33.88 -30.47
C LYS A 166 1.02 33.74 -28.96
N VAL A 167 0.73 32.52 -28.50
CA VAL A 167 0.38 32.32 -27.09
C VAL A 167 1.19 31.25 -26.36
N ILE A 168 2.03 30.51 -27.07
CA ILE A 168 3.01 29.62 -26.41
C ILE A 168 4.39 29.88 -26.99
N PRO A 169 5.46 29.42 -26.31
CA PRO A 169 6.80 29.63 -26.86
C PRO A 169 7.00 28.89 -28.15
N ALA A 170 7.78 29.47 -29.05
CA ALA A 170 8.23 28.78 -30.25
C ALA A 170 9.12 27.59 -29.88
N ASN A 171 9.86 27.74 -28.79
CA ASN A 171 10.73 26.66 -28.31
C ASN A 171 10.50 26.38 -26.83
N PRO A 172 9.43 25.64 -26.51
CA PRO A 172 9.01 25.44 -25.13
C PRO A 172 10.05 24.67 -24.30
N GLU A 173 10.29 25.14 -23.07
CA GLU A 173 11.10 24.41 -22.09
C GLU A 173 10.54 22.99 -21.91
N PRO A 174 11.29 21.94 -22.31
CA PRO A 174 10.70 20.59 -22.34
C PRO A 174 10.09 20.15 -21.00
N THR A 175 10.72 20.42 -19.87
CA THR A 175 10.18 19.91 -18.61
C THR A 175 9.17 20.87 -17.96
N PHE A 176 8.88 22.02 -18.58
CA PHE A 176 8.04 22.99 -17.88
C PHE A 176 6.79 23.39 -18.68
N TYR A 177 6.08 22.42 -19.25
CA TYR A 177 4.84 22.75 -19.96
C TYR A 177 3.78 23.40 -19.06
N SER A 178 3.84 23.20 -17.75
CA SER A 178 2.87 23.88 -16.89
C SER A 178 3.04 25.40 -17.01
N ARG A 179 4.27 25.84 -17.23
CA ARG A 179 4.55 27.25 -17.46
C ARG A 179 4.28 27.58 -18.94
N GLU A 180 4.85 26.76 -19.84
CA GLU A 180 4.90 27.06 -21.27
C GLU A 180 3.54 26.92 -21.95
N MET A 181 2.81 25.88 -21.55
CA MET A 181 1.60 25.49 -22.26
C MET A 181 0.33 25.76 -21.45
N VAL A 182 0.48 26.36 -20.27
CA VAL A 182 -0.70 26.66 -19.46
C VAL A 182 -0.61 28.09 -18.93
N ALA A 183 0.39 28.39 -18.10
CA ALA A 183 0.51 29.74 -17.53
C ALA A 183 0.60 30.83 -18.61
N ILE A 184 1.51 30.65 -19.56
CA ILE A 184 1.74 31.67 -20.57
C ILE A 184 0.48 31.88 -21.43
N PRO A 185 -0.09 30.81 -22.04
CA PRO A 185 -1.30 31.10 -22.82
C PRO A 185 -2.49 31.58 -21.98
N SER A 186 -2.57 31.21 -20.70
CA SER A 186 -3.70 31.66 -19.87
C SER A 186 -3.70 33.17 -19.74
N ALA A 187 -2.50 33.75 -19.71
CA ALA A 187 -2.36 35.20 -19.59
C ALA A 187 -2.75 35.91 -20.88
N HIS A 188 -2.44 35.31 -22.04
CA HIS A 188 -2.89 35.86 -23.31
C HIS A 188 -4.42 35.87 -23.38
N LEU A 189 -5.01 34.76 -22.96
CA LEU A 189 -6.48 34.65 -22.93
C LEU A 189 -7.09 35.68 -21.98
N ALA A 190 -6.46 35.86 -20.82
CA ALA A 190 -6.92 36.86 -19.85
C ALA A 190 -6.84 38.27 -20.42
N ALA A 191 -5.84 38.51 -21.25
CA ALA A 191 -5.67 39.80 -21.91
C ALA A 191 -6.63 39.99 -23.08
N GLY A 192 -7.45 38.99 -23.39
CA GLY A 192 -8.44 39.14 -24.44
C GLY A 192 -8.14 38.49 -25.77
N PHE A 193 -7.06 37.71 -25.84
CA PHE A 193 -6.72 36.97 -27.06
C PHE A 193 -7.88 36.02 -27.39
N PRO A 194 -8.32 35.99 -28.66
CA PRO A 194 -9.50 35.17 -29.02
C PRO A 194 -9.21 33.68 -28.90
N LEU A 195 -10.03 33.00 -28.12
CA LEU A 195 -9.83 31.59 -27.83
C LEU A 195 -9.70 30.74 -29.11
N ALA A 196 -10.56 31.00 -30.10
CA ALA A 196 -10.57 30.16 -31.30
C ALA A 196 -9.28 30.28 -32.11
N GLU A 197 -8.44 31.26 -31.79
CA GLU A 197 -7.19 31.39 -32.55
C GLU A 197 -5.98 30.74 -31.89
N VAL A 198 -6.19 30.00 -30.79
CA VAL A 198 -5.04 29.35 -30.13
C VAL A 198 -4.58 28.09 -30.86
N GLY A 199 -5.45 27.55 -31.72
CA GLY A 199 -5.11 26.34 -32.49
C GLY A 199 -6.39 25.68 -32.96
N ARG A 200 -6.29 24.49 -33.55
CA ARG A 200 -7.47 23.95 -34.22
C ARG A 200 -8.49 23.45 -33.20
N ARG A 201 -9.75 23.46 -33.62
CA ARG A 201 -10.83 22.94 -32.82
C ARG A 201 -10.65 21.43 -32.63
N LEU A 202 -10.87 20.95 -31.41
CA LEU A 202 -10.84 19.52 -31.13
C LEU A 202 -12.21 18.88 -31.26
N ASP A 203 -12.25 17.65 -31.73
CA ASP A 203 -13.47 16.86 -31.61
C ASP A 203 -13.61 16.42 -30.16
N ASP A 204 -14.83 16.22 -29.68
CA ASP A 204 -15.03 15.82 -28.30
C ASP A 204 -14.27 14.53 -27.96
N SER A 205 -14.15 13.64 -28.94
CA SER A 205 -13.46 12.36 -28.74
C SER A 205 -11.97 12.52 -28.51
N GLU A 206 -11.42 13.70 -28.80
CA GLU A 206 -9.99 13.93 -28.64
C GLU A 206 -9.67 14.45 -27.25
N ILE A 207 -10.70 14.66 -26.45
CA ILE A 207 -10.53 15.13 -25.09
C ILE A 207 -10.40 13.96 -24.13
N VAL A 208 -9.24 13.84 -23.50
CA VAL A 208 -8.98 12.72 -22.61
C VAL A 208 -9.84 12.85 -21.35
N ARG A 209 -10.45 11.75 -20.93
CA ARG A 209 -11.26 11.74 -19.71
C ARG A 209 -10.89 10.58 -18.79
N PHE A 210 -10.95 10.80 -17.49
CA PHE A 210 -10.86 9.66 -16.58
C PHE A 210 -12.27 9.18 -16.26
N HIS A 211 -12.35 7.98 -15.70
CA HIS A 211 -13.65 7.40 -15.37
C HIS A 211 -13.82 7.33 -13.87
N ARG A 212 -14.94 7.87 -13.40
CA ARG A 212 -15.22 7.95 -11.98
C ARG A 212 -16.09 6.79 -11.50
N PRO A 213 -15.87 6.34 -10.25
CA PRO A 213 -16.72 5.30 -9.67
C PRO A 213 -18.15 5.77 -9.54
N ALA A 214 -19.10 4.96 -10.00
CA ALA A 214 -20.50 5.30 -9.84
C ALA A 214 -20.99 4.89 -8.45
N VAL A 215 -21.91 5.66 -7.91
CA VAL A 215 -22.61 5.26 -6.71
C VAL A 215 -23.58 4.17 -7.12
N GLU A 216 -23.64 3.10 -6.34
N GLU A 216 -23.62 3.06 -6.39
CA GLU A 216 -24.61 2.03 -6.54
CA GLU A 216 -24.52 1.97 -6.73
C GLU A 216 -25.79 2.22 -5.57
C GLU A 216 -25.33 1.50 -5.53
N ILE A 217 -27.01 2.12 -6.08
N ILE A 217 -26.42 0.80 -5.80
CA ILE A 217 -28.19 2.38 -5.26
CA ILE A 217 -27.36 0.41 -4.76
C ILE A 217 -29.18 1.22 -5.15
C ILE A 217 -27.34 -1.09 -4.50
N SER A 218 -29.34 0.70 -3.94
N SER A 218 -27.23 -1.45 -3.21
CA SER A 218 -30.47 -0.15 -3.62
CA SER A 218 -27.16 -2.85 -2.80
C SER A 218 -31.52 0.74 -2.97
C SER A 218 -28.08 -3.12 -1.61
N GLY A 219 -32.72 0.21 -2.75
N GLY A 219 -29.13 -3.89 -1.84
CA GLY A 219 -33.81 1.02 -2.23
CA GLY A 219 -30.00 -4.38 -0.78
C GLY A 219 -33.46 1.77 -0.95
C GLY A 219 -30.52 -3.34 0.21
N GLU A 220 -33.08 1.02 0.08
N GLU A 220 -31.18 -2.31 -0.32
CA GLU A 220 -32.83 1.57 1.40
CA GLU A 220 -31.66 -1.17 0.46
C GLU A 220 -31.33 1.81 1.66
C GLU A 220 -30.51 -0.40 1.12
N ALA A 221 -30.50 1.65 0.63
N ALA A 221 -29.43 -0.22 0.36
CA ALA A 221 -29.05 1.66 0.82
CA ALA A 221 -28.29 0.60 0.80
C ALA A 221 -28.26 2.11 -0.41
C ALA A 221 -27.57 1.24 -0.39
N LEU A 222 -26.98 2.41 -0.18
CA LEU A 222 -26.11 3.01 -1.20
C LEU A 222 -24.66 2.60 -0.94
N SER A 223 -23.91 2.29 -1.98
CA SER A 223 -22.49 2.07 -1.75
C SER A 223 -21.66 3.02 -2.60
N GLY A 224 -20.56 3.46 -2.02
CA GLY A 224 -19.68 4.42 -2.64
C GLY A 224 -18.29 4.30 -2.06
N VAL A 225 -17.57 5.41 -2.04
CA VAL A 225 -16.17 5.42 -1.63
C VAL A 225 -15.85 6.77 -0.99
N VAL A 226 -14.86 6.77 -0.11
CA VAL A 226 -14.28 8.02 0.38
C VAL A 226 -13.44 8.63 -0.73
N THR A 227 -13.79 9.83 -1.16
CA THR A 227 -13.08 10.47 -2.26
C THR A 227 -11.92 11.31 -1.76
N ALA A 228 -12.04 11.82 -0.54
CA ALA A 228 -11.08 12.77 -0.01
C ALA A 228 -11.17 12.90 1.49
N ILE A 229 -10.04 13.12 2.13
CA ILE A 229 -10.02 13.60 3.49
C ILE A 229 -10.00 15.12 3.40
N ASP A 230 -10.90 15.77 4.11
CA ASP A 230 -11.05 17.22 4.03
C ASP A 230 -10.03 17.92 4.93
N HIS A 231 -8.86 18.25 4.39
CA HIS A 231 -7.81 18.94 5.16
C HIS A 231 -8.14 20.43 5.32
N PRO A 232 -7.73 21.04 6.45
CA PRO A 232 -6.93 20.45 7.53
C PRO A 232 -7.76 19.93 8.71
N PHE A 233 -9.03 19.62 8.48
CA PHE A 233 -9.92 19.25 9.58
C PHE A 233 -10.01 17.76 9.84
N GLY A 234 -9.79 16.97 8.79
CA GLY A 234 -9.90 15.53 8.91
C GLY A 234 -11.34 15.07 8.78
N ASN A 235 -12.15 15.86 8.09
CA ASN A 235 -13.50 15.41 7.77
C ASN A 235 -13.41 14.38 6.65
N ILE A 236 -14.46 13.59 6.47
CA ILE A 236 -14.42 12.52 5.48
C ILE A 236 -15.47 12.74 4.42
N TRP A 237 -15.02 12.86 3.17
CA TRP A 237 -15.90 13.16 2.04
C TRP A 237 -16.16 11.92 1.20
N THR A 238 -17.41 11.71 0.81
CA THR A 238 -17.73 10.57 -0.04
C THR A 238 -18.24 11.02 -1.40
N ASN A 239 -18.43 10.07 -2.31
CA ASN A 239 -18.97 10.40 -3.63
C ASN A 239 -20.50 10.29 -3.69
N ILE A 240 -21.14 10.05 -2.55
CA ILE A 240 -22.61 9.97 -2.52
C ILE A 240 -23.17 11.39 -2.48
N HIS A 241 -23.86 11.76 -3.57
CA HIS A 241 -24.33 13.12 -3.77
C HIS A 241 -25.72 13.34 -3.19
N ARG A 242 -26.08 14.60 -2.96
CA ARG A 242 -27.43 14.95 -2.51
C ARG A 242 -28.50 14.29 -3.37
N THR A 243 -28.29 14.28 -4.68
CA THR A 243 -29.27 13.71 -5.61
C THR A 243 -29.34 12.18 -5.43
N ASP A 244 -28.24 11.58 -5.01
CA ASP A 244 -28.25 10.16 -4.68
C ASP A 244 -29.12 9.91 -3.46
N LEU A 245 -28.92 10.71 -2.41
CA LEU A 245 -29.76 10.64 -1.22
C LEU A 245 -31.25 10.82 -1.56
N GLU A 246 -31.55 11.79 -2.41
CA GLU A 246 -32.94 12.08 -2.77
C GLU A 246 -33.58 10.89 -3.46
N LYS A 247 -32.83 10.25 -4.35
CA LYS A 247 -33.33 9.06 -5.05
C LYS A 247 -33.63 7.94 -4.07
N ALA A 248 -32.87 7.90 -2.98
CA ALA A 248 -33.03 6.86 -1.97
C ALA A 248 -34.02 7.26 -0.88
N GLY A 249 -34.65 8.42 -1.04
CA GLY A 249 -35.67 8.89 -0.12
C GLY A 249 -35.09 9.36 1.20
N ILE A 250 -33.82 9.78 1.16
CA ILE A 250 -33.13 10.26 2.34
C ILE A 250 -33.03 11.78 2.36
N GLY A 251 -33.62 12.40 3.38
CA GLY A 251 -33.57 13.84 3.53
C GLY A 251 -33.08 14.26 4.90
N GLN A 252 -33.09 15.56 5.16
CA GLN A 252 -32.62 16.10 6.43
C GLN A 252 -33.30 15.43 7.62
N GLY A 253 -32.51 15.02 8.61
CA GLY A 253 -33.02 14.44 9.83
C GLY A 253 -33.14 12.93 9.82
N LYS A 254 -33.01 12.34 8.63
CA LYS A 254 -33.07 10.89 8.48
C LYS A 254 -31.96 10.23 9.29
N HIS A 255 -32.32 9.26 10.12
CA HIS A 255 -31.32 8.47 10.85
C HIS A 255 -30.56 7.58 9.88
N LEU A 256 -29.24 7.67 9.90
CA LEU A 256 -28.40 6.91 8.98
C LEU A 256 -27.36 6.06 9.67
N LYS A 257 -26.95 5.02 8.96
CA LYS A 257 -25.72 4.33 9.26
C LYS A 257 -24.78 4.54 8.09
N ILE A 258 -23.55 4.92 8.37
CA ILE A 258 -22.52 4.99 7.33
C ILE A 258 -21.36 4.11 7.77
N ILE A 259 -21.15 3.02 7.04
CA ILE A 259 -20.09 2.08 7.39
C ILE A 259 -18.87 2.34 6.51
N LEU A 260 -17.70 2.45 7.13
CA LEU A 260 -16.47 2.64 6.35
C LEU A 260 -15.68 1.35 6.33
N ASP A 261 -15.15 0.99 5.17
CA ASP A 261 -14.22 -0.13 5.05
C ASP A 261 -14.88 -1.43 5.55
N ASP A 262 -16.21 -1.44 5.54
CA ASP A 262 -17.04 -2.55 6.06
C ASP A 262 -16.64 -2.97 7.49
N VAL A 263 -16.12 -2.02 8.27
CA VAL A 263 -15.62 -2.33 9.60
C VAL A 263 -16.01 -1.28 10.66
N LEU A 264 -16.21 -0.03 10.23
CA LEU A 264 -16.58 1.06 11.13
C LEU A 264 -18.00 1.58 10.87
N PRO A 265 -18.98 1.09 11.64
CA PRO A 265 -20.38 1.47 11.43
C PRO A 265 -20.79 2.69 12.24
N PHE A 266 -20.61 3.87 11.65
CA PHE A 266 -21.01 5.09 12.32
C PHE A 266 -22.50 5.26 12.22
N GLU A 267 -23.10 5.91 13.22
CA GLU A 267 -24.53 6.20 13.18
C GLU A 267 -24.80 7.63 13.61
N ALA A 268 -25.68 8.31 12.86
CA ALA A 268 -26.06 9.67 13.18
C ALA A 268 -27.21 10.09 12.29
N PRO A 269 -27.98 11.10 12.72
CA PRO A 269 -28.95 11.66 11.78
C PRO A 269 -28.25 12.53 10.74
N LEU A 270 -28.86 12.72 9.57
CA LEU A 270 -28.32 13.68 8.61
C LEU A 270 -28.67 15.08 9.08
N THR A 271 -27.67 15.92 9.29
CA THR A 271 -27.88 17.27 9.80
C THR A 271 -27.20 18.31 8.89
N PRO A 272 -27.59 19.59 9.00
CA PRO A 272 -26.93 20.65 8.23
C PRO A 272 -25.46 20.81 8.53
N THR A 273 -25.07 20.67 9.80
CA THR A 273 -23.70 21.04 10.15
C THR A 273 -23.14 20.25 11.34
N PHE A 274 -21.89 20.56 11.67
CA PHE A 274 -21.14 19.81 12.67
C PHE A 274 -21.70 19.95 14.08
N ALA A 275 -22.05 21.17 14.47
CA ALA A 275 -22.49 21.42 15.84
C ALA A 275 -23.80 20.73 16.16
N ASP A 276 -24.53 20.29 15.15
CA ASP A 276 -25.78 19.57 15.38
C ASP A 276 -25.57 18.22 16.07
N ALA A 277 -24.33 17.73 16.08
CA ALA A 277 -24.03 16.47 16.77
C ALA A 277 -24.05 16.64 18.30
N GLY A 278 -24.15 17.87 18.77
CA GLY A 278 -24.18 18.12 20.21
C GLY A 278 -22.81 18.34 20.81
N ALA A 279 -22.35 17.43 21.66
CA ALA A 279 -21.09 17.60 22.35
C ALA A 279 -19.90 17.62 21.38
N ILE A 280 -18.86 18.36 21.76
CA ILE A 280 -17.61 18.33 21.02
C ILE A 280 -17.10 16.90 20.89
N GLY A 281 -16.80 16.49 19.67
CA GLY A 281 -16.25 15.17 19.44
C GLY A 281 -17.25 14.17 18.89
N ASN A 282 -18.53 14.45 19.05
CA ASN A 282 -19.59 13.59 18.53
C ASN A 282 -19.63 13.54 16.99
N ILE A 283 -20.00 12.37 16.47
CA ILE A 283 -20.10 12.13 15.04
C ILE A 283 -21.22 12.94 14.39
N ALA A 284 -20.92 13.54 13.24
CA ALA A 284 -21.92 14.28 12.46
C ALA A 284 -21.95 13.75 11.02
N PHE A 285 -23.15 13.63 10.46
CA PHE A 285 -23.35 13.30 9.05
C PHE A 285 -23.97 14.50 8.40
N TYR A 286 -23.42 14.93 7.28
CA TYR A 286 -23.92 16.17 6.68
C TYR A 286 -23.58 16.18 5.19
N LEU A 287 -24.30 17.02 4.44
CA LEU A 287 -23.93 17.33 3.07
C LEU A 287 -22.84 18.43 3.08
N ASN A 288 -21.69 18.17 2.44
CA ASN A 288 -20.61 19.16 2.50
C ASN A 288 -20.85 20.32 1.55
N SER A 289 -19.95 21.29 1.51
CA SER A 289 -20.20 22.49 0.71
C SER A 289 -20.11 22.21 -0.79
N ARG A 290 -19.79 20.98 -1.16
CA ARG A 290 -19.77 20.62 -2.57
C ARG A 290 -21.00 19.83 -2.96
N GLY A 291 -21.84 19.47 -1.98
CA GLY A 291 -23.07 18.75 -2.24
C GLY A 291 -23.03 17.24 -1.98
N TYR A 292 -21.99 16.75 -1.29
CA TYR A 292 -21.82 15.31 -1.08
C TYR A 292 -21.89 14.90 0.40
N LEU A 293 -22.45 13.72 0.64
CA LEU A 293 -22.54 13.15 1.98
C LEU A 293 -21.14 13.01 2.59
N SER A 294 -20.98 13.51 3.79
CA SER A 294 -19.72 13.50 4.53
C SER A 294 -19.90 13.15 6.01
N LEU A 295 -18.82 12.73 6.66
CA LEU A 295 -18.78 12.41 8.08
C LEU A 295 -17.69 13.18 8.79
N ALA A 296 -17.93 13.52 10.03
CA ALA A 296 -16.95 14.24 10.80
C ALA A 296 -17.27 14.22 12.27
N ARG A 297 -16.34 14.71 13.06
CA ARG A 297 -16.63 14.94 14.47
C ARG A 297 -16.79 16.44 14.69
N ASN A 298 -17.64 16.80 15.64
CA ASN A 298 -17.93 18.21 15.92
C ASN A 298 -16.74 18.87 16.60
N ALA A 299 -16.07 19.74 15.86
CA ALA A 299 -14.87 20.45 16.33
C ALA A 299 -13.80 19.49 16.87
N ALA A 300 -13.66 18.34 16.20
CA ALA A 300 -12.58 17.40 16.47
C ALA A 300 -12.29 16.73 15.14
N SER A 301 -11.10 16.17 14.98
CA SER A 301 -10.76 15.49 13.72
C SER A 301 -11.21 14.04 13.73
N LEU A 302 -11.96 13.61 12.72
CA LEU A 302 -12.38 12.22 12.61
C LEU A 302 -11.28 11.33 12.02
N ALA A 303 -10.69 11.76 10.91
CA ALA A 303 -9.82 10.89 10.12
C ALA A 303 -8.41 10.76 10.69
N TYR A 304 -7.84 11.86 11.17
CA TYR A 304 -6.43 11.90 11.58
C TYR A 304 -6.06 10.96 12.74
N PRO A 305 -6.87 10.94 13.82
CA PRO A 305 -6.45 10.06 14.92
C PRO A 305 -6.43 8.58 14.55
N TYR A 306 -7.20 8.18 13.54
CA TYR A 306 -7.32 6.77 13.21
C TYR A 306 -6.77 6.45 11.83
N ASN A 307 -6.03 7.39 11.25
CA ASN A 307 -5.41 7.21 9.94
C ASN A 307 -6.40 6.78 8.87
N LEU A 308 -7.57 7.42 8.84
CA LEU A 308 -8.55 7.13 7.82
C LEU A 308 -8.23 7.94 6.57
N LYS A 309 -8.26 7.30 5.41
CA LYS A 309 -7.77 7.92 4.17
C LYS A 309 -8.72 7.70 2.99
N ALA A 310 -8.54 8.46 1.92
CA ALA A 310 -9.36 8.29 0.72
C ALA A 310 -9.28 6.86 0.20
N GLY A 311 -10.37 6.37 -0.40
CA GLY A 311 -10.36 5.05 -1.00
C GLY A 311 -11.06 3.99 -0.19
N LEU A 312 -11.38 4.28 1.07
CA LEU A 312 -12.13 3.32 1.90
C LEU A 312 -13.55 3.19 1.34
N LYS A 313 -14.08 1.97 1.31
CA LYS A 313 -15.45 1.76 0.85
C LYS A 313 -16.45 2.38 1.82
N VAL A 314 -17.58 2.81 1.26
CA VAL A 314 -18.67 3.43 2.00
C VAL A 314 -19.99 2.70 1.76
N ARG A 315 -20.69 2.37 2.84
CA ARG A 315 -22.04 1.85 2.72
C ARG A 315 -23.00 2.72 3.52
N VAL A 316 -24.06 3.18 2.87
CA VAL A 316 -25.02 4.05 3.56
C VAL A 316 -26.36 3.34 3.70
N GLU A 317 -26.92 3.38 4.90
CA GLU A 317 -28.17 2.70 5.20
C GLU A 317 -29.10 3.64 5.95
N ALA A 318 -30.36 3.69 5.54
CA ALA A 318 -31.38 4.43 6.27
C ALA A 318 -31.84 3.61 7.46
N ARG A 319 -31.86 4.22 8.63
CA ARG A 319 -32.36 3.57 9.83
C ARG A 319 -33.62 4.23 10.35
N ARG B 28 19.47 -35.47 28.25
CA ARG B 28 19.35 -34.01 28.28
C ARG B 28 18.44 -33.52 27.17
N PRO B 29 17.11 -33.63 27.37
CA PRO B 29 16.22 -33.26 26.26
C PRO B 29 16.21 -31.77 25.98
N ILE B 30 16.09 -31.42 24.70
CA ILE B 30 16.06 -30.03 24.25
C ILE B 30 14.84 -29.81 23.39
N ILE B 31 14.13 -28.72 23.67
CA ILE B 31 13.10 -28.19 22.77
C ILE B 31 13.59 -26.87 22.24
N ALA B 32 13.69 -26.74 20.92
CA ALA B 32 14.00 -25.45 20.32
C ALA B 32 12.68 -24.83 19.91
N PHE B 33 12.43 -23.61 20.38
CA PHE B 33 11.11 -22.97 20.37
C PHE B 33 11.09 -21.71 19.48
N MET B 34 10.32 -21.76 18.39
CA MET B 34 10.13 -20.62 17.49
C MET B 34 8.63 -20.27 17.40
N SER B 35 8.26 -19.05 17.74
CA SER B 35 6.84 -18.68 17.70
C SER B 35 6.64 -17.24 17.23
N ASP B 36 5.39 -16.83 17.06
CA ASP B 36 5.10 -15.43 16.79
C ASP B 36 4.54 -14.76 18.04
N LEU B 37 4.74 -15.39 19.19
CA LEU B 37 4.10 -14.96 20.44
C LEU B 37 4.68 -13.67 21.03
N GLY B 38 5.83 -13.25 20.53
CA GLY B 38 6.43 -11.99 20.95
C GLY B 38 7.26 -12.08 22.21
N THR B 39 7.80 -10.95 22.64
CA THR B 39 8.69 -10.89 23.79
C THR B 39 8.20 -9.88 24.84
N THR B 40 6.91 -9.54 24.80
CA THR B 40 6.44 -8.46 25.66
C THR B 40 5.38 -8.89 26.67
N ASP B 41 5.03 -10.17 26.71
CA ASP B 41 4.14 -10.62 27.79
C ASP B 41 4.46 -12.04 28.25
N ASP B 42 3.54 -12.66 28.99
CA ASP B 42 3.83 -13.94 29.63
C ASP B 42 3.53 -15.17 28.76
N SER B 43 3.20 -14.94 27.48
CA SER B 43 2.81 -16.03 26.59
C SER B 43 3.88 -17.13 26.48
N VAL B 44 5.12 -16.73 26.23
CA VAL B 44 6.19 -17.70 26.07
C VAL B 44 6.50 -18.39 27.41
N ALA B 45 6.44 -17.65 28.50
CA ALA B 45 6.70 -18.24 29.82
C ALA B 45 5.63 -19.28 30.21
N GLN B 46 4.38 -19.06 29.81
CA GLN B 46 3.32 -20.04 30.09
C GLN B 46 3.67 -21.36 29.41
N CYS B 47 4.14 -21.26 28.16
CA CYS B 47 4.59 -22.43 27.43
C CYS B 47 5.76 -23.14 28.10
N LYS B 48 6.78 -22.36 28.47
CA LYS B 48 7.99 -22.93 29.10
C LYS B 48 7.69 -23.59 30.45
N GLY B 49 6.85 -22.96 31.26
CA GLY B 49 6.44 -23.58 32.51
C GLY B 49 5.85 -24.97 32.28
N LEU B 50 4.99 -25.09 31.28
CA LEU B 50 4.36 -26.38 30.99
C LEU B 50 5.36 -27.38 30.43
N MET B 51 6.26 -26.88 29.59
CA MET B 51 7.31 -27.73 29.05
C MET B 51 8.15 -28.33 30.18
N HIS B 52 8.53 -27.49 31.15
CA HIS B 52 9.26 -28.00 32.31
C HIS B 52 8.39 -28.89 33.21
N SER B 53 7.09 -28.58 33.31
CA SER B 53 6.16 -29.44 34.05
C SER B 53 6.09 -30.85 33.46
N ILE B 54 6.02 -30.92 32.14
CA ILE B 54 5.83 -32.18 31.42
C ILE B 54 7.15 -32.94 31.28
N CYS B 55 8.22 -32.20 31.05
CA CYS B 55 9.53 -32.80 30.84
C CYS B 55 10.57 -32.17 31.76
N PRO B 56 10.63 -32.63 33.01
CA PRO B 56 11.61 -32.13 33.98
C PRO B 56 13.05 -32.24 33.47
N GLY B 57 13.82 -31.17 33.61
CA GLY B 57 15.19 -31.20 33.13
C GLY B 57 15.33 -30.90 31.65
N VAL B 58 14.22 -30.61 30.99
CA VAL B 58 14.25 -30.16 29.61
C VAL B 58 15.00 -28.82 29.54
N THR B 59 15.69 -28.58 28.43
CA THR B 59 16.28 -27.29 28.14
C THR B 59 15.50 -26.66 26.99
N VAL B 60 14.95 -25.49 27.20
CA VAL B 60 14.23 -24.82 26.12
C VAL B 60 15.13 -23.77 25.52
N VAL B 61 15.45 -23.96 24.24
CA VAL B 61 16.28 -23.01 23.52
C VAL B 61 15.40 -22.16 22.60
N ASP B 62 15.40 -20.86 22.84
CA ASP B 62 14.60 -19.94 22.04
C ASP B 62 15.26 -19.74 20.68
N VAL B 63 14.48 -19.89 19.63
CA VAL B 63 14.95 -19.53 18.31
C VAL B 63 14.69 -18.04 18.17
N CYS B 64 13.44 -17.67 17.92
CA CYS B 64 13.01 -16.30 18.05
C CYS B 64 11.50 -16.30 18.26
N HIS B 65 10.96 -15.19 18.77
CA HIS B 65 9.53 -15.10 18.99
C HIS B 65 8.95 -13.85 18.38
N SER B 66 9.74 -13.23 17.50
CA SER B 66 9.36 -11.94 16.94
C SER B 66 9.02 -11.96 15.45
N MET B 67 8.84 -13.14 14.87
CA MET B 67 8.45 -13.23 13.46
C MET B 67 7.18 -12.44 13.19
N THR B 68 7.06 -11.90 12.00
CA THR B 68 5.82 -11.24 11.61
C THR B 68 4.67 -12.21 11.77
N PRO B 69 3.66 -11.84 12.58
CA PRO B 69 2.54 -12.75 12.86
C PRO B 69 1.90 -13.27 11.59
N TRP B 70 1.65 -14.57 11.54
CA TRP B 70 0.90 -15.25 10.47
C TRP B 70 1.64 -15.30 9.14
N ASP B 71 2.88 -14.87 9.13
CA ASP B 71 3.71 -14.95 7.92
C ASP B 71 4.41 -16.31 7.91
N VAL B 72 3.76 -17.30 7.34
CA VAL B 72 4.25 -18.67 7.35
C VAL B 72 5.59 -18.84 6.60
N GLU B 73 5.79 -18.06 5.55
CA GLU B 73 7.04 -18.18 4.81
C GLU B 73 8.21 -17.59 5.58
N GLU B 74 7.97 -16.53 6.35
CA GLU B 74 9.03 -15.97 7.17
C GLU B 74 9.40 -16.92 8.32
N GLY B 75 8.39 -17.51 8.98
CA GLY B 75 8.66 -18.47 10.03
C GLY B 75 9.49 -19.66 9.54
N ALA B 76 9.14 -20.14 8.34
CA ALA B 76 9.84 -21.28 7.75
C ALA B 76 11.35 -21.03 7.63
N ARG B 77 11.72 -19.81 7.29
CA ARG B 77 13.13 -19.46 7.16
C ARG B 77 13.89 -19.60 8.46
N TYR B 78 13.22 -19.36 9.59
CA TYR B 78 13.86 -19.40 10.90
C TYR B 78 14.06 -20.80 11.43
N ILE B 79 13.47 -21.79 10.78
CA ILE B 79 13.50 -23.14 11.31
C ILE B 79 14.04 -24.19 10.35
N VAL B 80 14.17 -23.83 9.08
CA VAL B 80 14.48 -24.81 8.05
C VAL B 80 15.90 -25.40 8.22
N ASP B 81 16.86 -24.62 8.71
CA ASP B 81 18.24 -25.12 8.81
C ASP B 81 18.70 -25.38 10.25
N LEU B 82 17.77 -25.43 11.21
CA LEU B 82 18.13 -25.72 12.60
C LEU B 82 18.74 -27.12 12.88
N PRO B 83 18.21 -28.21 12.27
CA PRO B 83 18.60 -29.53 12.75
C PRO B 83 20.11 -29.81 12.91
N ARG B 84 20.93 -29.46 11.93
CA ARG B 84 22.34 -29.87 11.99
C ARG B 84 23.08 -29.19 13.16
N PHE B 85 22.48 -28.13 13.70
CA PHE B 85 23.11 -27.39 14.80
C PHE B 85 22.82 -28.01 16.17
N PHE B 86 21.83 -28.88 16.24
CA PHE B 86 21.36 -29.36 17.54
C PHE B 86 21.70 -30.82 17.79
N PRO B 87 21.85 -31.19 19.07
CA PRO B 87 22.06 -32.60 19.42
C PRO B 87 20.91 -33.46 18.92
N GLU B 88 21.20 -34.70 18.56
CA GLU B 88 20.17 -35.61 18.08
C GLU B 88 19.10 -35.80 19.14
N GLY B 89 17.85 -35.91 18.71
CA GLY B 89 16.74 -36.07 19.63
C GLY B 89 16.05 -34.75 19.94
N THR B 90 16.62 -33.65 19.48
CA THR B 90 16.02 -32.34 19.73
C THR B 90 14.63 -32.26 19.08
N VAL B 91 13.68 -31.70 19.82
CA VAL B 91 12.35 -31.45 19.28
C VAL B 91 12.20 -29.98 18.93
N PHE B 92 11.72 -29.70 17.73
CA PHE B 92 11.49 -28.33 17.32
C PHE B 92 10.01 -27.98 17.45
N ALA B 93 9.70 -27.07 18.37
CA ALA B 93 8.35 -26.56 18.54
C ALA B 93 8.23 -25.24 17.79
N THR B 94 7.50 -25.24 16.68
CA THR B 94 7.52 -24.09 15.76
C THR B 94 6.10 -23.64 15.43
N THR B 95 5.75 -22.39 15.71
CA THR B 95 4.34 -22.04 15.59
C THR B 95 3.97 -20.57 15.35
N THR B 96 3.22 -20.37 14.27
CA THR B 96 2.34 -19.21 14.12
C THR B 96 1.00 -19.85 13.81
N TYR B 97 -0.03 -19.51 14.59
CA TYR B 97 -1.28 -20.27 14.57
C TYR B 97 -2.54 -19.43 14.36
N PRO B 98 -2.68 -18.77 13.18
CA PRO B 98 -3.85 -17.95 12.92
C PRO B 98 -5.17 -18.73 12.90
N ALA B 99 -5.11 -20.04 12.67
CA ALA B 99 -6.32 -20.87 12.69
C ALA B 99 -6.60 -21.42 14.10
N THR B 100 -5.99 -20.80 15.11
CA THR B 100 -6.22 -21.24 16.49
C THR B 100 -7.71 -21.28 16.84
N GLY B 101 -8.14 -22.34 17.50
CA GLY B 101 -9.52 -22.47 17.93
C GLY B 101 -10.44 -23.21 16.98
N THR B 102 -9.94 -23.51 15.79
CA THR B 102 -10.73 -24.22 14.78
C THR B 102 -10.50 -25.71 14.93
N THR B 103 -11.08 -26.50 14.03
CA THR B 103 -10.98 -27.96 14.15
C THR B 103 -9.62 -28.47 13.65
N THR B 104 -8.80 -27.57 13.11
CA THR B 104 -7.47 -27.94 12.65
C THR B 104 -6.67 -28.59 13.78
N ARG B 105 -5.76 -29.47 13.42
CA ARG B 105 -4.86 -30.09 14.39
C ARG B 105 -3.41 -30.01 13.92
N SER B 106 -2.49 -29.88 14.86
CA SER B 106 -1.08 -29.77 14.54
C SER B 106 -0.57 -31.04 13.88
N VAL B 107 0.58 -30.92 13.22
CA VAL B 107 1.26 -32.07 12.64
C VAL B 107 2.61 -32.24 13.35
N ALA B 108 2.96 -33.49 13.63
CA ALA B 108 4.22 -33.83 14.26
C ALA B 108 4.96 -34.76 13.32
N VAL B 109 6.19 -34.37 12.97
CA VAL B 109 6.93 -35.02 11.89
C VAL B 109 8.35 -35.38 12.27
N ARG B 110 8.75 -36.61 12.01
CA ARG B 110 10.16 -36.99 12.11
C ARG B 110 10.83 -36.82 10.75
N ILE B 111 11.73 -35.87 10.65
CA ILE B 111 12.42 -35.62 9.40
C ILE B 111 13.48 -36.69 9.15
N ARG B 112 13.98 -36.76 7.93
CA ARG B 112 14.94 -37.79 7.57
C ARG B 112 16.37 -37.27 7.67
N GLN B 113 16.82 -36.53 6.66
CA GLN B 113 18.20 -36.04 6.62
C GLN B 113 18.36 -34.72 7.36
N ALA B 114 19.34 -34.64 8.25
CA ALA B 114 19.57 -33.42 9.01
C ALA B 114 20.19 -32.36 8.09
N ALA B 115 20.97 -32.84 7.11
CA ALA B 115 21.56 -32.02 6.04
C ALA B 115 22.52 -30.99 6.60
N TRP B 123 28.30 -30.18 7.48
CA TRP B 123 28.05 -30.30 8.91
C TRP B 123 28.61 -29.11 9.70
N ALA B 124 27.89 -28.70 10.73
CA ALA B 124 28.29 -27.56 11.55
C ALA B 124 29.12 -28.00 12.76
N GLY B 125 29.98 -27.10 13.23
CA GLY B 125 30.83 -27.38 14.39
C GLY B 125 32.30 -27.27 14.07
N SER B 126 33.14 -27.51 15.08
CA SER B 126 34.59 -27.47 14.91
C SER B 126 35.07 -28.61 14.03
N GLY B 127 36.31 -28.52 13.55
CA GLY B 127 36.86 -29.54 12.68
C GLY B 127 36.03 -29.70 11.43
N ASP B 128 35.64 -30.93 11.12
CA ASP B 128 34.80 -31.18 9.95
C ASP B 128 33.33 -31.17 10.32
N GLY B 129 33.03 -30.76 11.54
CA GLY B 129 31.64 -30.62 11.95
C GLY B 129 31.05 -31.88 12.53
N PHE B 130 29.77 -31.81 12.85
CA PHE B 130 29.09 -32.87 13.59
C PHE B 130 28.08 -33.60 12.71
N GLU B 131 28.41 -34.83 12.33
CA GLU B 131 27.50 -35.64 11.54
C GLU B 131 26.28 -36.01 12.37
N ARG B 132 25.10 -35.80 11.79
CA ARG B 132 23.84 -36.18 12.44
C ARG B 132 23.19 -37.33 11.70
N ALA B 133 22.80 -38.35 12.46
CA ALA B 133 22.11 -39.51 11.92
C ALA B 133 20.72 -39.14 11.40
N ASP B 134 20.28 -39.87 10.38
CA ASP B 134 18.94 -39.69 9.82
C ASP B 134 17.86 -39.93 10.87
N GLY B 135 16.73 -39.23 10.73
CA GLY B 135 15.58 -39.44 11.58
C GLY B 135 15.74 -39.05 13.03
N SER B 136 16.62 -38.08 13.29
CA SER B 136 16.98 -37.73 14.67
C SER B 136 16.23 -36.52 15.21
N TYR B 137 15.33 -35.94 14.43
CA TYR B 137 14.66 -34.72 14.86
C TYR B 137 13.17 -34.77 14.58
N ILE B 138 12.39 -34.19 15.48
CA ILE B 138 10.96 -34.08 15.29
C ILE B 138 10.54 -32.62 15.29
N TYR B 139 9.73 -32.24 14.30
CA TYR B 139 9.08 -30.94 14.30
C TYR B 139 7.64 -31.10 14.69
N ILE B 140 7.11 -30.15 15.44
CA ILE B 140 5.67 -30.10 15.67
C ILE B 140 5.19 -28.66 15.43
N ALA B 141 4.12 -28.52 14.66
CA ALA B 141 3.69 -27.22 14.17
C ALA B 141 2.23 -27.27 13.77
N PRO B 142 1.58 -26.10 13.66
CA PRO B 142 0.30 -26.06 12.95
C PRO B 142 0.44 -26.68 11.57
N ASN B 143 -0.59 -27.37 11.09
CA ASN B 143 -0.57 -27.90 9.74
C ASN B 143 -1.05 -26.80 8.78
N ASN B 144 -0.23 -25.76 8.60
CA ASN B 144 -0.62 -24.60 7.80
C ASN B 144 0.45 -24.17 6.81
N GLY B 145 1.40 -25.06 6.53
CA GLY B 145 2.47 -24.78 5.58
C GLY B 145 3.78 -24.33 6.22
N LEU B 146 3.79 -24.10 7.53
CA LEU B 146 4.98 -23.62 8.23
C LEU B 146 6.18 -24.52 7.99
N LEU B 147 5.94 -25.83 7.91
CA LEU B 147 6.99 -26.81 7.72
C LEU B 147 7.33 -27.09 6.25
N THR B 148 6.80 -26.29 5.33
CA THR B 148 6.95 -26.59 3.91
C THR B 148 8.42 -26.80 3.51
N THR B 149 9.27 -25.84 3.85
CA THR B 149 10.67 -25.92 3.41
C THR B 149 11.47 -26.89 4.28
N VAL B 150 11.07 -27.09 5.54
CA VAL B 150 11.67 -28.12 6.38
C VAL B 150 11.53 -29.48 5.69
N LEU B 151 10.32 -29.77 5.20
CA LEU B 151 10.05 -31.07 4.58
C LEU B 151 10.75 -31.20 3.23
N GLU B 152 10.80 -30.09 2.49
CA GLU B 152 11.48 -30.09 1.20
C GLU B 152 12.98 -30.35 1.31
N GLU B 153 13.63 -29.79 2.32
CA GLU B 153 15.08 -29.91 2.41
C GLU B 153 15.55 -31.16 3.14
N HIS B 154 14.75 -31.64 4.07
CA HIS B 154 15.15 -32.74 4.94
C HIS B 154 14.46 -34.05 4.64
N GLY B 155 13.33 -33.98 3.93
CA GLY B 155 12.49 -35.15 3.76
C GLY B 155 11.93 -35.55 5.11
N TYR B 156 11.09 -36.58 5.13
CA TYR B 156 10.58 -37.05 6.43
C TYR B 156 10.19 -38.52 6.36
N ILE B 157 10.24 -39.17 7.51
CA ILE B 157 9.97 -40.61 7.61
C ILE B 157 8.51 -40.90 7.92
N GLU B 158 7.89 -40.04 8.73
CA GLU B 158 6.55 -40.28 9.23
C GLU B 158 5.93 -39.01 9.79
N ALA B 159 4.65 -38.79 9.51
CA ALA B 159 3.94 -37.62 10.01
C ALA B 159 2.57 -38.00 10.61
N TYR B 160 2.23 -37.35 11.72
CA TYR B 160 1.00 -37.65 12.44
C TYR B 160 0.24 -36.39 12.79
N GLU B 161 -1.09 -36.46 12.80
CA GLU B 161 -1.86 -35.36 13.36
C GLU B 161 -1.87 -35.54 14.88
N VAL B 162 -1.90 -34.44 15.60
CA VAL B 162 -1.79 -34.47 17.05
C VAL B 162 -3.16 -34.29 17.69
N THR B 163 -3.75 -35.39 18.18
CA THR B 163 -5.13 -35.38 18.67
C THR B 163 -5.29 -36.02 20.04
N SER B 164 -4.31 -36.83 20.45
CA SER B 164 -4.43 -37.58 21.68
C SER B 164 -4.42 -36.66 22.90
N THR B 165 -5.40 -36.83 23.77
CA THR B 165 -5.46 -36.02 24.98
C THR B 165 -4.41 -36.45 26.01
N LYS B 166 -3.57 -37.41 25.63
CA LYS B 166 -2.37 -37.71 26.40
C LYS B 166 -1.32 -36.58 26.22
N VAL B 167 -1.37 -35.88 25.09
CA VAL B 167 -0.37 -34.84 24.81
C VAL B 167 -0.96 -33.46 24.47
N ILE B 168 -2.28 -33.36 24.38
CA ILE B 168 -2.91 -32.04 24.24
C ILE B 168 -4.03 -31.95 25.27
N PRO B 169 -4.47 -30.71 25.61
CA PRO B 169 -5.58 -30.54 26.55
C PRO B 169 -6.89 -31.13 26.02
N ALA B 170 -7.69 -31.71 26.91
CA ALA B 170 -9.04 -32.15 26.57
C ALA B 170 -9.94 -30.96 26.29
N ASN B 171 -9.62 -29.82 26.88
CA ASN B 171 -10.39 -28.59 26.65
C ASN B 171 -9.48 -27.42 26.35
N PRO B 172 -8.94 -27.38 25.13
CA PRO B 172 -7.92 -26.38 24.73
C PRO B 172 -8.48 -24.96 24.74
N GLU B 173 -7.69 -24.02 25.22
CA GLU B 173 -7.99 -22.60 25.11
C GLU B 173 -8.10 -22.22 23.64
N PRO B 174 -9.29 -21.77 23.20
CA PRO B 174 -9.51 -21.50 21.76
C PRO B 174 -8.48 -20.60 21.10
N THR B 175 -8.09 -19.50 21.76
CA THR B 175 -7.18 -18.57 21.10
C THR B 175 -5.71 -18.92 21.36
N PHE B 176 -5.43 -19.97 22.12
CA PHE B 176 -4.02 -20.27 22.42
C PHE B 176 -3.51 -21.64 21.91
N TYR B 177 -3.78 -22.00 20.66
CA TYR B 177 -3.30 -23.30 20.16
C TYR B 177 -1.78 -23.39 20.09
N SER B 178 -1.08 -22.25 20.01
CA SER B 178 0.38 -22.28 20.05
C SER B 178 0.87 -22.90 21.37
N ARG B 179 0.13 -22.66 22.44
CA ARG B 179 0.43 -23.32 23.71
C ARG B 179 -0.15 -24.74 23.73
N GLU B 180 -1.44 -24.87 23.42
CA GLU B 180 -2.18 -26.13 23.60
C GLU B 180 -1.77 -27.21 22.61
N MET B 181 -1.55 -26.82 21.37
CA MET B 181 -1.35 -27.79 20.29
C MET B 181 0.09 -27.87 19.81
N VAL B 182 0.98 -27.09 20.42
CA VAL B 182 2.38 -27.12 20.02
C VAL B 182 3.31 -27.23 21.24
N ALA B 183 3.27 -26.23 22.11
CA ALA B 183 4.14 -26.24 23.28
C ALA B 183 3.94 -27.49 24.14
N ILE B 184 2.69 -27.76 24.52
CA ILE B 184 2.40 -28.89 25.42
C ILE B 184 2.79 -30.24 24.78
N PRO B 185 2.31 -30.54 23.56
CA PRO B 185 2.74 -31.84 23.02
C PRO B 185 4.23 -31.91 22.68
N SER B 186 4.86 -30.80 22.32
CA SER B 186 6.31 -30.83 22.09
C SER B 186 7.05 -31.34 23.34
N ALA B 187 6.55 -30.99 24.52
CA ALA B 187 7.19 -31.40 25.77
C ALA B 187 7.01 -32.91 26.04
N HIS B 188 5.85 -33.45 25.68
CA HIS B 188 5.64 -34.89 25.79
C HIS B 188 6.58 -35.65 24.84
N LEU B 189 6.74 -35.13 23.62
CA LEU B 189 7.63 -35.76 22.66
C LEU B 189 9.07 -35.74 23.16
N ALA B 190 9.49 -34.62 23.75
CA ALA B 190 10.83 -34.51 24.34
C ALA B 190 11.01 -35.48 25.51
N ALA B 191 9.94 -35.71 26.27
CA ALA B 191 9.96 -36.66 27.39
C ALA B 191 9.94 -38.11 26.90
N GLY B 192 9.79 -38.29 25.59
CA GLY B 192 9.87 -39.63 25.04
C GLY B 192 8.52 -40.26 24.74
N PHE B 193 7.46 -39.48 24.78
CA PHE B 193 6.17 -39.99 24.30
C PHE B 193 6.33 -40.48 22.87
N PRO B 194 5.85 -41.70 22.59
CA PRO B 194 6.05 -42.25 21.25
C PRO B 194 5.30 -41.44 20.19
N LEU B 195 6.03 -40.98 19.18
CA LEU B 195 5.50 -40.12 18.14
C LEU B 195 4.26 -40.69 17.48
N ALA B 196 4.28 -42.00 17.22
CA ALA B 196 3.20 -42.64 16.48
C ALA B 196 1.92 -42.73 17.30
N GLU B 197 1.99 -42.35 18.58
CA GLU B 197 0.79 -42.42 19.40
C GLU B 197 0.11 -41.07 19.62
N VAL B 198 0.61 -40.00 18.98
CA VAL B 198 0.00 -38.68 19.17
C VAL B 198 -1.30 -38.56 18.39
N GLY B 199 -1.47 -39.42 17.39
CA GLY B 199 -2.66 -39.37 16.55
C GLY B 199 -2.48 -40.19 15.30
N ARG B 200 -3.43 -40.12 14.38
CA ARG B 200 -3.32 -40.98 13.21
C ARG B 200 -2.25 -40.50 12.23
N ARG B 201 -1.69 -41.44 11.49
CA ARG B 201 -0.65 -41.14 10.52
C ARG B 201 -1.22 -40.43 9.30
N LEU B 202 -0.54 -39.38 8.87
CA LEU B 202 -1.01 -38.59 7.74
C LEU B 202 -0.42 -39.07 6.43
N ASP B 203 -1.23 -39.01 5.37
CA ASP B 203 -0.73 -39.10 4.01
C ASP B 203 -0.05 -37.77 3.64
N ASP B 204 0.87 -37.82 2.68
CA ASP B 204 1.62 -36.63 2.26
C ASP B 204 0.67 -35.53 1.75
N SER B 205 -0.42 -35.94 1.13
CA SER B 205 -1.42 -35.02 0.60
C SER B 205 -2.14 -34.22 1.70
N GLU B 206 -2.06 -34.68 2.95
CA GLU B 206 -2.76 -34.01 4.04
C GLU B 206 -1.91 -32.93 4.71
N ILE B 207 -0.65 -32.85 4.33
CA ILE B 207 0.25 -31.84 4.88
C ILE B 207 0.25 -30.59 4.01
N VAL B 208 -0.27 -29.50 4.56
CA VAL B 208 -0.39 -28.25 3.82
C VAL B 208 0.99 -27.68 3.49
N ARG B 209 1.11 -27.12 2.30
CA ARG B 209 2.37 -26.53 1.86
C ARG B 209 2.10 -25.18 1.20
N PHE B 210 3.04 -24.25 1.30
CA PHE B 210 2.94 -23.03 0.51
C PHE B 210 3.78 -23.17 -0.75
N HIS B 211 3.48 -22.35 -1.75
CA HIS B 211 4.23 -22.38 -2.99
C HIS B 211 5.08 -21.14 -3.10
N ARG B 212 6.40 -21.34 -3.13
CA ARG B 212 7.34 -20.25 -3.28
C ARG B 212 7.49 -19.84 -4.74
N PRO B 213 7.69 -18.53 -4.97
CA PRO B 213 7.99 -18.05 -6.33
C PRO B 213 9.32 -18.59 -6.81
N ALA B 214 9.39 -18.98 -8.08
CA ALA B 214 10.62 -19.54 -8.62
C ALA B 214 11.54 -18.43 -9.12
N VAL B 215 12.84 -18.66 -9.02
CA VAL B 215 13.81 -17.80 -9.65
C VAL B 215 13.69 -18.01 -11.16
N GLU B 216 13.74 -16.92 -11.92
CA GLU B 216 13.72 -17.04 -13.38
C GLU B 216 15.10 -16.74 -13.95
N ILE B 217 15.56 -17.64 -14.82
CA ILE B 217 16.92 -17.58 -15.36
C ILE B 217 16.89 -17.46 -16.88
N SER B 218 17.51 -16.41 -17.41
CA SER B 218 17.61 -16.23 -18.86
C SER B 218 18.98 -15.69 -19.24
N GLY B 219 19.83 -16.56 -19.79
CA GLY B 219 21.23 -16.21 -20.04
C GLY B 219 21.98 -16.11 -18.73
N GLU B 220 22.72 -15.04 -18.54
CA GLU B 220 23.23 -14.72 -17.20
C GLU B 220 22.45 -13.52 -16.66
N ALA B 221 21.14 -13.61 -16.76
CA ALA B 221 20.21 -12.64 -16.20
C ALA B 221 19.16 -13.36 -15.36
N LEU B 222 19.08 -13.01 -14.08
CA LEU B 222 18.18 -13.73 -13.18
C LEU B 222 17.16 -12.79 -12.55
N SER B 223 15.94 -13.29 -12.36
CA SER B 223 14.91 -12.54 -11.67
C SER B 223 14.46 -13.30 -10.43
N GLY B 224 14.36 -12.59 -9.32
CA GLY B 224 13.89 -13.16 -8.07
C GLY B 224 13.27 -12.09 -7.21
N VAL B 225 13.31 -12.27 -5.90
CA VAL B 225 12.75 -11.30 -4.96
C VAL B 225 13.62 -11.18 -3.72
N VAL B 226 13.43 -10.08 -3.00
CA VAL B 226 14.02 -9.93 -1.68
C VAL B 226 13.17 -10.75 -0.73
N THR B 227 13.77 -11.75 -0.10
CA THR B 227 13.02 -12.59 0.82
C THR B 227 13.04 -12.04 2.23
N ALA B 228 14.12 -11.35 2.58
CA ALA B 228 14.24 -10.84 3.95
C ALA B 228 15.20 -9.69 4.05
N ILE B 229 14.92 -8.77 4.97
CA ILE B 229 15.94 -7.84 5.44
C ILE B 229 16.62 -8.52 6.62
N ASP B 230 17.93 -8.68 6.53
CA ASP B 230 18.69 -9.38 7.55
C ASP B 230 18.92 -8.47 8.75
N HIS B 231 17.97 -8.43 9.68
CA HIS B 231 18.10 -7.62 10.88
C HIS B 231 19.12 -8.27 11.81
N PRO B 232 19.87 -7.47 12.58
CA PRO B 232 19.79 -6.01 12.74
C PRO B 232 20.76 -5.22 11.85
N PHE B 233 21.31 -5.86 10.83
CA PHE B 233 22.38 -5.26 10.01
C PHE B 233 21.86 -4.50 8.80
N GLY B 234 20.63 -4.81 8.41
CA GLY B 234 20.08 -4.26 7.18
C GLY B 234 20.70 -4.83 5.90
N ASN B 235 21.24 -6.04 5.97
CA ASN B 235 21.67 -6.70 4.74
C ASN B 235 20.41 -7.17 4.02
N ILE B 236 20.54 -7.43 2.72
CA ILE B 236 19.39 -7.78 1.92
C ILE B 236 19.56 -9.18 1.36
N TRP B 237 18.64 -10.07 1.71
CA TRP B 237 18.69 -11.47 1.28
C TRP B 237 17.70 -11.71 0.14
N THR B 238 18.12 -12.46 -0.87
CA THR B 238 17.23 -12.76 -2.01
C THR B 238 16.95 -14.25 -2.08
N ASN B 239 16.05 -14.66 -2.97
CA ASN B 239 15.76 -16.07 -3.14
C ASN B 239 16.63 -16.70 -4.22
N ILE B 240 17.64 -15.97 -4.70
CA ILE B 240 18.50 -16.48 -5.75
C ILE B 240 19.64 -17.27 -5.13
N HIS B 241 19.64 -18.58 -5.39
CA HIS B 241 20.56 -19.49 -4.73
C HIS B 241 21.88 -19.61 -5.50
N ARG B 242 22.90 -20.10 -4.81
CA ARG B 242 24.19 -20.41 -5.42
C ARG B 242 24.02 -21.26 -6.69
N THR B 243 23.08 -22.21 -6.66
CA THR B 243 22.90 -23.11 -7.78
C THR B 243 22.24 -22.41 -8.96
N ASP B 244 21.44 -21.39 -8.67
CA ASP B 244 20.90 -20.54 -9.72
C ASP B 244 22.03 -19.75 -10.39
N LEU B 245 22.93 -19.21 -9.57
CA LEU B 245 24.08 -18.48 -10.09
C LEU B 245 24.96 -19.39 -10.95
N GLU B 246 25.16 -20.62 -10.49
CA GLU B 246 25.96 -21.58 -11.23
C GLU B 246 25.36 -21.87 -12.60
N LYS B 247 24.05 -22.06 -12.67
CA LYS B 247 23.37 -22.28 -13.94
C LYS B 247 23.55 -21.10 -14.90
N ALA B 248 23.72 -19.89 -14.35
CA ALA B 248 23.91 -18.72 -15.18
C ALA B 248 25.39 -18.45 -15.45
N GLY B 249 26.26 -19.37 -15.01
CA GLY B 249 27.69 -19.23 -15.23
C GLY B 249 28.32 -18.12 -14.41
N ILE B 250 27.69 -17.80 -13.27
CA ILE B 250 28.18 -16.77 -12.35
C ILE B 250 28.92 -17.38 -11.17
N GLY B 251 30.19 -17.03 -11.02
CA GLY B 251 30.99 -17.51 -9.90
C GLY B 251 31.69 -16.37 -9.18
N GLN B 252 32.56 -16.74 -8.24
CA GLN B 252 33.27 -15.75 -7.43
C GLN B 252 34.04 -14.77 -8.29
N GLY B 253 33.87 -13.49 -8.02
CA GLY B 253 34.59 -12.45 -8.74
C GLY B 253 33.86 -11.90 -9.95
N LYS B 254 32.79 -12.58 -10.37
CA LYS B 254 32.02 -12.12 -11.51
C LYS B 254 31.43 -10.73 -11.21
N HIS B 255 31.54 -9.79 -12.15
CA HIS B 255 30.91 -8.49 -11.94
C HIS B 255 29.39 -8.60 -12.12
N LEU B 256 28.64 -8.09 -11.15
CA LEU B 256 27.20 -8.14 -11.24
C LEU B 256 26.59 -6.76 -11.20
N LYS B 257 25.46 -6.60 -11.87
CA LYS B 257 24.56 -5.49 -11.61
C LYS B 257 23.28 -6.05 -11.00
N ILE B 258 22.89 -5.51 -9.86
CA ILE B 258 21.63 -5.91 -9.24
C ILE B 258 20.71 -4.70 -9.13
N ILE B 259 19.51 -4.83 -9.68
CA ILE B 259 18.51 -3.77 -9.64
C ILE B 259 17.37 -4.22 -8.76
N LEU B 260 17.02 -3.38 -7.78
CA LEU B 260 15.89 -3.66 -6.90
C LEU B 260 14.67 -2.89 -7.33
N ASP B 261 13.52 -3.57 -7.38
CA ASP B 261 12.25 -2.94 -7.68
C ASP B 261 12.27 -2.19 -9.01
N ASP B 262 13.00 -2.72 -9.99
CA ASP B 262 13.14 -2.12 -11.31
C ASP B 262 13.65 -0.68 -11.34
N VAL B 263 14.26 -0.23 -10.24
CA VAL B 263 14.67 1.17 -10.15
C VAL B 263 16.06 1.35 -9.57
N LEU B 264 16.30 0.74 -8.42
CA LEU B 264 17.48 1.06 -7.63
C LEU B 264 18.64 0.10 -7.97
N PRO B 265 19.71 0.64 -8.57
CA PRO B 265 20.84 -0.14 -9.09
C PRO B 265 22.04 -0.24 -8.14
N PHE B 266 22.71 -1.39 -8.17
CA PHE B 266 23.95 -1.61 -7.42
C PHE B 266 24.89 -2.44 -8.28
N GLU B 267 26.20 -2.20 -8.15
CA GLU B 267 27.19 -2.97 -8.89
C GLU B 267 28.35 -3.36 -8.00
N ALA B 268 28.79 -4.61 -8.14
CA ALA B 268 29.90 -5.14 -7.34
C ALA B 268 30.30 -6.53 -7.86
N PRO B 269 31.53 -6.95 -7.56
CA PRO B 269 31.87 -8.34 -7.85
C PRO B 269 31.34 -9.27 -6.77
N LEU B 270 31.07 -10.52 -7.12
CA LEU B 270 30.64 -11.49 -6.11
C LEU B 270 31.82 -11.85 -5.23
N THR B 271 31.69 -11.67 -3.92
CA THR B 271 32.80 -11.92 -3.01
C THR B 271 32.34 -12.77 -1.83
N PRO B 272 33.28 -13.39 -1.11
CA PRO B 272 32.86 -14.20 0.03
C PRO B 272 32.23 -13.43 1.20
N THR B 273 32.63 -12.19 1.45
CA THR B 273 32.20 -11.54 2.68
C THR B 273 32.19 -10.00 2.63
N PHE B 274 31.71 -9.38 3.69
CA PHE B 274 31.46 -7.93 3.70
C PHE B 274 32.72 -7.10 3.50
N ALA B 275 33.80 -7.47 4.19
CA ALA B 275 35.05 -6.72 4.11
C ALA B 275 35.63 -6.67 2.68
N ASP B 276 35.26 -7.62 1.83
CA ASP B 276 35.77 -7.62 0.47
C ASP B 276 35.32 -6.43 -0.37
N ALA B 277 34.38 -5.64 0.15
CA ALA B 277 33.95 -4.44 -0.55
C ALA B 277 34.97 -3.32 -0.41
N GLY B 278 35.92 -3.47 0.51
CA GLY B 278 36.94 -2.45 0.71
C GLY B 278 36.56 -1.48 1.81
N ALA B 279 36.40 -0.20 1.49
CA ALA B 279 36.07 0.79 2.52
C ALA B 279 34.76 0.50 3.21
N ILE B 280 34.68 0.92 4.47
CA ILE B 280 33.44 0.90 5.21
C ILE B 280 32.39 1.64 4.39
N GLY B 281 31.20 1.05 4.27
CA GLY B 281 30.10 1.67 3.54
C GLY B 281 29.97 1.19 2.11
N ASN B 282 31.03 0.59 1.58
CA ASN B 282 31.02 0.09 0.20
C ASN B 282 30.07 -1.09 0.01
N ILE B 283 29.58 -1.26 -1.21
CA ILE B 283 28.64 -2.32 -1.54
C ILE B 283 29.32 -3.68 -1.74
N ALA B 284 28.81 -4.70 -1.06
CA ALA B 284 29.26 -6.08 -1.26
C ALA B 284 28.13 -6.95 -1.78
N PHE B 285 28.45 -7.83 -2.74
CA PHE B 285 27.53 -8.87 -3.19
C PHE B 285 28.14 -10.19 -2.74
N TYR B 286 27.34 -11.06 -2.11
CA TYR B 286 27.91 -12.27 -1.51
C TYR B 286 26.82 -13.32 -1.33
N LEU B 287 27.22 -14.57 -1.16
CA LEU B 287 26.31 -15.64 -0.77
C LEU B 287 26.24 -15.66 0.76
N ASN B 288 25.03 -15.58 1.29
CA ASN B 288 24.86 -15.60 2.75
C ASN B 288 25.06 -17.01 3.30
N SER B 289 24.98 -17.16 4.61
CA SER B 289 25.33 -18.43 5.28
C SER B 289 24.33 -19.53 4.93
N ARG B 290 23.28 -19.13 4.23
CA ARG B 290 22.24 -20.04 3.77
C ARG B 290 22.46 -20.43 2.30
N GLY B 291 23.40 -19.75 1.65
CA GLY B 291 23.76 -20.07 0.28
C GLY B 291 23.06 -19.20 -0.75
N TYR B 292 22.45 -18.11 -0.31
CA TYR B 292 21.67 -17.25 -1.19
C TYR B 292 22.33 -15.91 -1.46
N LEU B 293 22.17 -15.40 -2.68
CA LEU B 293 22.73 -14.12 -3.09
C LEU B 293 22.19 -12.99 -2.23
N SER B 294 23.10 -12.18 -1.70
CA SER B 294 22.73 -11.14 -0.77
C SER B 294 23.49 -9.85 -1.08
N LEU B 295 22.95 -8.73 -0.61
CA LEU B 295 23.56 -7.41 -0.78
C LEU B 295 23.78 -6.75 0.56
N ALA B 296 24.87 -6.01 0.67
CA ALA B 296 25.18 -5.34 1.93
C ALA B 296 26.08 -4.15 1.71
N ARG B 297 26.11 -3.26 2.69
CA ARG B 297 27.21 -2.29 2.80
C ARG B 297 28.20 -2.87 3.80
N ASN B 298 29.48 -2.59 3.60
CA ASN B 298 30.51 -3.12 4.49
C ASN B 298 30.49 -2.38 5.84
N ALA B 299 30.10 -3.08 6.90
CA ALA B 299 30.00 -2.49 8.24
C ALA B 299 29.15 -1.22 8.23
N ALA B 300 28.08 -1.25 7.48
CA ALA B 300 27.07 -0.20 7.48
C ALA B 300 25.79 -0.83 6.99
N SER B 301 24.66 -0.18 7.25
CA SER B 301 23.39 -0.78 6.89
C SER B 301 22.94 -0.34 5.50
N LEU B 302 22.64 -1.33 4.64
CA LEU B 302 22.18 -1.06 3.28
C LEU B 302 20.68 -0.74 3.23
N ALA B 303 19.87 -1.62 3.81
CA ALA B 303 18.42 -1.52 3.60
C ALA B 303 17.81 -0.31 4.31
N TYR B 304 18.23 -0.05 5.54
CA TYR B 304 17.52 0.93 6.36
C TYR B 304 17.55 2.37 5.80
N PRO B 305 18.72 2.89 5.39
CA PRO B 305 18.70 4.26 4.86
C PRO B 305 17.88 4.44 3.58
N TYR B 306 17.75 3.38 2.79
CA TYR B 306 16.98 3.41 1.54
C TYR B 306 15.55 2.92 1.69
N ASN B 307 15.14 2.61 2.92
CA ASN B 307 13.79 2.09 3.19
C ASN B 307 13.46 0.82 2.41
N LEU B 308 14.45 -0.06 2.23
CA LEU B 308 14.24 -1.30 1.46
C LEU B 308 13.66 -2.41 2.33
N LYS B 309 12.70 -3.14 1.78
CA LYS B 309 11.99 -4.17 2.56
C LYS B 309 11.82 -5.44 1.75
N ALA B 310 11.49 -6.53 2.43
CA ALA B 310 11.23 -7.81 1.76
C ALA B 310 10.09 -7.68 0.74
N GLY B 311 10.11 -8.49 -0.31
CA GLY B 311 9.11 -8.42 -1.35
C GLY B 311 9.49 -7.66 -2.61
N LEU B 312 10.52 -6.81 -2.55
CA LEU B 312 10.94 -6.08 -3.74
C LEU B 312 11.46 -7.02 -4.83
N LYS B 313 11.15 -6.70 -6.09
CA LYS B 313 11.72 -7.44 -7.20
C LYS B 313 13.26 -7.32 -7.23
N VAL B 314 13.93 -8.39 -7.62
CA VAL B 314 15.39 -8.40 -7.78
C VAL B 314 15.74 -8.83 -9.20
N ARG B 315 16.52 -8.02 -9.91
CA ARG B 315 17.05 -8.43 -11.21
C ARG B 315 18.56 -8.44 -11.16
N VAL B 316 19.14 -9.54 -11.64
CA VAL B 316 20.59 -9.72 -11.63
C VAL B 316 21.13 -9.87 -13.03
N GLU B 317 22.16 -9.09 -13.36
CA GLU B 317 22.75 -9.12 -14.69
C GLU B 317 24.25 -9.32 -14.59
N ALA B 318 24.78 -10.23 -15.41
CA ALA B 318 26.22 -10.43 -15.48
C ALA B 318 26.64 -10.48 -16.95
N ARG B 319 27.91 -10.24 -17.24
CA ARG B 319 28.43 -10.38 -18.61
C ARG B 319 29.83 -10.98 -18.59
N MET C . 11.84 22.76 -13.39
CA MET C . 10.99 23.68 -12.65
C MET C . 11.37 23.73 -11.17
O MET C . 10.92 22.92 -10.34
CB MET C . 9.51 23.27 -12.80
CG MET C . 9.32 22.31 -13.94
SD MET C . 9.53 20.64 -13.35
CE MET C . 7.98 20.50 -12.53
OXT MET C . 12.16 24.60 -10.81
O5' ADN D . 6.00 21.17 -16.63
C5' ADN D . 5.87 21.08 -15.24
C4' ADN D . 5.25 19.76 -14.86
O4' ADN D . 6.25 18.71 -14.87
C3' ADN D . 4.64 19.67 -13.48
O3' ADN D . 3.27 20.07 -13.56
C2' ADN D . 4.72 18.17 -13.13
O2' ADN D . 3.50 17.50 -13.14
C1' ADN D . 5.71 17.61 -14.19
N9 ADN D . 6.78 16.78 -13.62
C8 ADN D . 7.65 17.13 -12.66
N7 ADN D . 8.46 16.09 -12.36
C5 ADN D . 8.09 15.05 -13.13
C6 ADN D . 8.53 13.65 -13.29
N6 ADN D . 9.57 13.17 -12.56
N1 ADN D . 7.87 12.90 -14.20
C2 ADN D . 6.86 13.39 -14.94
N3 ADN D . 6.40 14.65 -14.84
C4 ADN D . 6.97 15.51 -13.96
N MET E . -3.87 -14.78 24.82
CA MET E . -2.83 -15.55 24.15
C MET E . -1.63 -14.68 23.81
O MET E . -0.59 -15.17 23.38
CB MET E . -3.38 -16.22 22.88
CG MET E . -4.22 -15.34 21.99
SD MET E . -3.27 -14.07 21.16
CE MET E . -1.99 -15.14 20.54
OXT MET E . -1.68 -13.45 23.92
O5' ADN F . -2.65 -19.56 19.82
C5' ADN F . -1.76 -18.46 19.71
C4' ADN F . -1.75 -17.92 18.29
O4' ADN F . -2.89 -17.06 18.07
C3' ADN F . -0.55 -17.11 17.90
O3' ADN F . 0.47 -17.99 17.39
C2' ADN F . -1.09 -16.22 16.76
O2' ADN F . -0.66 -16.60 15.46
C1' ADN F . -2.63 -16.33 16.90
N9 ADN F . -3.30 -15.03 16.91
C8 ADN F . -3.11 -14.00 17.74
N7 ADN F . -3.87 -12.93 17.38
C5 ADN F . -4.53 -13.29 16.26
C6 ADN F . -5.48 -12.64 15.34
N6 ADN F . -5.91 -11.38 15.55
N1 ADN F . -5.93 -13.37 14.29
C2 ADN F . -5.53 -14.63 14.07
N3 ADN F . -4.66 -15.28 14.86
C4 ADN F . -4.14 -14.66 15.94
#